data_8P88
#
_entry.id   8P88
#
_cell.length_a   73.593
_cell.length_b   121.953
_cell.length_c   88.675
_cell.angle_alpha   90.00
_cell.angle_beta   90.00
_cell.angle_gamma   90.00
#
_symmetry.space_group_name_H-M   'C 2 2 21'
#
loop_
_entity.id
_entity.type
_entity.pdbx_description
1 polymer 'Light Chain H3'
2 polymer 'Nanobody C4'
3 non-polymer 'CHLORIDE ION'
4 non-polymer 'SODIUM ION'
5 water water
#
loop_
_entity_poly.entity_id
_entity_poly.type
_entity_poly.pdbx_seq_one_letter_code
_entity_poly.pdbx_strand_id
1 'polypeptide(L)'
;QSVLTQPPSTSGTPGQRVTISCSGSSSNIETNTVNWYQQLPGTAPKLVMHTNNQRPSGVPDRFSGSRSGTSASLAIGGLQ
SEDEADYFCAAWDDNLNGVIFGGGTKLTVLGQPKAAPSVTLFPPSSEELQANKATLVCLISDFYPGAVTVAWKADSSPVK
AGVETTTPSKQSNNKYAASSYLSLTPEQWKSHKSYSCQVTHEGSTVEKTVAPTECS
;
A
2 'polypeptide(L)'
;QVQLVESGGAAVQTGGSLRLSCVASGFDLSNHAMAWVRQSPGKGLEYISGINNGGTTTTYGDSVKDRFTISRDNAKSTVY
LQMNRLEADDTAVYYCVKSSYSDIVSARFDSWGKGTQVTVS
;
C
#
loop_
_chem_comp.id
_chem_comp.type
_chem_comp.name
_chem_comp.formula
CL non-polymer 'CHLORIDE ION' 'Cl -1'
NA non-polymer 'SODIUM ION' 'Na 1'
#
# COMPACT_ATOMS: atom_id res chain seq x y z
N SER A 2 8.20 -0.15 -10.76
CA SER A 2 7.97 -0.71 -9.44
C SER A 2 6.48 -0.92 -9.14
N VAL A 3 5.63 0.00 -9.62
CA VAL A 3 4.19 -0.06 -9.38
CA VAL A 3 4.19 -0.07 -9.38
C VAL A 3 3.43 0.32 -10.65
N LEU A 4 2.15 -0.07 -10.67
CA LEU A 4 1.21 0.36 -11.69
C LEU A 4 0.59 1.69 -11.25
N THR A 5 0.25 2.52 -12.23
CA THR A 5 -0.20 3.88 -11.95
C THR A 5 -1.72 3.92 -11.79
N GLN A 6 -2.18 4.28 -10.59
CA GLN A 6 -3.57 4.56 -10.28
C GLN A 6 -3.69 5.97 -9.71
N PRO A 7 -4.87 6.59 -9.90
CA PRO A 7 -5.14 7.85 -9.24
C PRO A 7 -5.20 7.60 -7.73
N PRO A 8 -4.64 8.50 -6.91
CA PRO A 8 -4.59 8.30 -5.46
C PRO A 8 -5.96 8.36 -4.78
N SER A 9 -6.89 9.07 -5.39
CA SER A 9 -8.24 9.23 -4.79
C SER A 9 -9.29 9.57 -5.83
N THR A 10 -10.52 9.11 -5.61
CA THR A 10 -11.66 9.50 -6.48
C THR A 10 -12.93 9.46 -5.61
N SER A 11 -14.02 10.02 -6.12
CA SER A 11 -15.26 10.09 -5.35
C SER A 11 -16.45 10.24 -6.31
N GLY A 12 -17.64 10.10 -5.74
CA GLY A 12 -18.90 10.28 -6.46
C GLY A 12 -20.04 10.33 -5.47
N THR A 13 -21.20 10.75 -5.97
CA THR A 13 -22.41 10.83 -5.16
CA THR A 13 -22.41 10.83 -5.16
C THR A 13 -23.17 9.51 -5.18
N PRO A 14 -24.02 9.26 -4.19
CA PRO A 14 -24.77 8.00 -4.17
C PRO A 14 -25.64 7.84 -5.41
N GLY A 15 -25.64 6.62 -5.97
CA GLY A 15 -26.35 6.34 -7.20
C GLY A 15 -25.55 6.57 -8.45
N GLN A 16 -24.41 7.26 -8.36
CA GLN A 16 -23.57 7.58 -9.48
C GLN A 16 -22.72 6.37 -9.88
N ARG A 17 -22.02 6.49 -11.01
CA ARG A 17 -21.16 5.45 -11.53
C ARG A 17 -19.75 5.99 -11.64
N VAL A 18 -18.80 5.34 -10.95
CA VAL A 18 -17.42 5.75 -10.94
C VAL A 18 -16.55 4.67 -11.55
N THR A 19 -15.41 5.09 -12.10
CA THR A 19 -14.44 4.18 -12.71
C THR A 19 -13.06 4.45 -12.13
N ILE A 20 -12.27 3.39 -12.01
CA ILE A 20 -10.92 3.46 -11.47
C ILE A 20 -9.96 2.97 -12.54
N SER A 21 -8.90 3.73 -12.77
CA SER A 21 -7.94 3.43 -13.84
C SER A 21 -6.71 2.72 -13.28
N CYS A 22 -6.03 2.00 -14.18
CA CYS A 22 -4.78 1.33 -13.87
C CYS A 22 -4.03 1.14 -15.17
N SER A 23 -2.82 1.71 -15.28
CA SER A 23 -2.07 1.71 -16.52
C SER A 23 -0.73 1.02 -16.32
N GLY A 24 -0.34 0.20 -17.29
CA GLY A 24 0.86 -0.62 -17.19
C GLY A 24 1.70 -0.55 -18.45
N SER A 25 2.47 -1.60 -18.67
CA SER A 25 3.50 -1.63 -19.69
C SER A 25 3.40 -2.90 -20.51
N SER A 26 4.34 -3.06 -21.44
CA SER A 26 4.43 -4.31 -22.21
C SER A 26 4.88 -5.47 -21.33
N SER A 27 5.48 -5.18 -20.18
CA SER A 27 5.98 -6.22 -19.29
C SER A 27 4.88 -6.85 -18.45
N ASN A 28 3.75 -6.17 -18.25
CA ASN A 28 2.73 -6.67 -17.35
C ASN A 28 1.35 -6.76 -17.99
N ILE A 29 0.62 -5.64 -18.05
CA ILE A 29 -0.80 -5.66 -18.38
C ILE A 29 -1.03 -6.15 -19.80
N GLU A 30 -0.11 -5.84 -20.72
CA GLU A 30 -0.33 -6.22 -22.12
C GLU A 30 -0.32 -7.73 -22.31
N THR A 31 0.44 -8.46 -21.52
CA THR A 31 0.60 -9.90 -21.70
C THR A 31 0.08 -10.73 -20.54
N ASN A 32 -0.40 -10.11 -19.46
CA ASN A 32 -0.88 -10.82 -18.28
C ASN A 32 -2.19 -10.23 -17.82
N THR A 33 -3.08 -11.08 -17.31
CA THR A 33 -4.40 -10.64 -16.90
C THR A 33 -4.34 -9.85 -15.60
N VAL A 34 -5.42 -9.13 -15.30
CA VAL A 34 -5.46 -8.15 -14.24
C VAL A 34 -6.43 -8.60 -13.16
N ASN A 35 -6.09 -8.31 -11.90
CA ASN A 35 -6.93 -8.63 -10.75
C ASN A 35 -7.13 -7.38 -9.90
N TRP A 36 -8.29 -7.30 -9.26
CA TRP A 36 -8.66 -6.15 -8.44
C TRP A 36 -8.97 -6.60 -7.01
N TYR A 37 -8.49 -5.83 -6.05
CA TYR A 37 -8.65 -6.15 -4.63
C TYR A 37 -9.23 -4.95 -3.89
N GLN A 38 -10.11 -5.24 -2.92
CA GLN A 38 -10.79 -4.22 -2.14
C GLN A 38 -10.43 -4.38 -0.67
N GLN A 39 -10.06 -3.27 -0.02
CA GLN A 39 -9.62 -3.29 1.36
C GLN A 39 -10.33 -2.20 2.14
N LEU A 40 -11.00 -2.58 3.23
CA LEU A 40 -11.60 -1.68 4.20
C LEU A 40 -10.64 -1.43 5.36
N PRO A 41 -10.81 -0.35 6.11
CA PRO A 41 -9.79 0.03 7.10
C PRO A 41 -9.61 -1.04 8.17
N GLY A 42 -8.35 -1.44 8.36
CA GLY A 42 -8.01 -2.38 9.40
C GLY A 42 -8.38 -3.82 9.13
N THR A 43 -8.60 -4.19 7.87
CA THR A 43 -8.91 -5.56 7.50
C THR A 43 -8.08 -5.96 6.29
N ALA A 44 -8.06 -7.26 6.00
CA ALA A 44 -7.28 -7.76 4.89
C ALA A 44 -7.95 -7.42 3.56
N PRO A 45 -7.17 -7.28 2.49
CA PRO A 45 -7.77 -7.03 1.16
C PRO A 45 -8.55 -8.23 0.65
N LYS A 46 -9.54 -7.96 -0.21
CA LYS A 46 -10.38 -9.02 -0.77
C LYS A 46 -10.51 -8.91 -2.29
N LEU A 47 -10.34 -10.06 -2.95
CA LEU A 47 -10.50 -10.16 -4.40
C LEU A 47 -11.95 -9.85 -4.79
N VAL A 48 -12.13 -9.01 -5.80
CA VAL A 48 -13.45 -8.61 -6.26
C VAL A 48 -13.54 -8.80 -7.77
N MET A 49 -12.42 -9.14 -8.40
CA MET A 49 -12.38 -9.33 -9.85
C MET A 49 -11.10 -10.04 -10.25
N HIS A 50 -11.21 -11.08 -11.08
CA HIS A 50 -10.06 -11.82 -11.57
C HIS A 50 -10.19 -12.07 -13.07
N THR A 51 -9.07 -12.44 -13.68
CA THR A 51 -9.01 -12.74 -15.11
C THR A 51 -9.65 -11.63 -15.94
N ASN A 52 -9.18 -10.40 -15.68
CA ASN A 52 -9.65 -9.18 -16.33
C ASN A 52 -11.07 -8.81 -15.96
N ASN A 53 -12.05 -9.71 -16.17
CA ASN A 53 -13.45 -9.30 -16.09
C ASN A 53 -14.35 -10.44 -15.59
N GLN A 54 -13.91 -11.14 -14.54
CA GLN A 54 -14.75 -12.18 -13.93
C GLN A 54 -14.85 -11.93 -12.43
N ARG A 55 -16.08 -11.97 -11.90
CA ARG A 55 -16.48 -11.64 -10.55
C ARG A 55 -16.57 -12.90 -9.68
N PRO A 56 -15.97 -12.85 -8.48
CA PRO A 56 -16.08 -13.93 -7.55
C PRO A 56 -17.54 -14.00 -7.07
N SER A 57 -17.93 -15.14 -6.53
CA SER A 57 -19.28 -15.28 -5.96
C SER A 57 -19.40 -14.40 -4.72
N GLY A 58 -20.49 -13.63 -4.63
CA GLY A 58 -20.68 -12.74 -3.48
C GLY A 58 -20.20 -11.34 -3.78
N VAL A 59 -20.13 -10.98 -5.06
CA VAL A 59 -19.73 -9.61 -5.48
C VAL A 59 -20.84 -9.06 -6.37
N PRO A 60 -21.47 -7.93 -6.00
CA PRO A 60 -22.62 -7.44 -6.74
C PRO A 60 -22.36 -7.25 -8.24
N ASP A 61 -23.42 -7.30 -9.03
CA ASP A 61 -23.33 -7.17 -10.48
C ASP A 61 -22.96 -5.76 -10.93
N ARG A 62 -22.98 -4.79 -10.02
CA ARG A 62 -22.60 -3.42 -10.38
C ARG A 62 -21.09 -3.28 -10.58
N PHE A 63 -20.29 -4.25 -10.15
CA PHE A 63 -18.86 -4.25 -10.37
C PHE A 63 -18.56 -4.84 -11.74
N SER A 64 -17.60 -4.24 -12.44
CA SER A 64 -17.27 -4.65 -13.80
C SER A 64 -15.85 -4.23 -14.12
N GLY A 65 -15.13 -5.10 -14.84
CA GLY A 65 -13.75 -4.83 -15.18
C GLY A 65 -13.53 -4.97 -16.68
N SER A 66 -12.42 -4.39 -17.13
N SER A 66 -12.42 -4.38 -17.13
CA SER A 66 -12.05 -4.40 -18.54
CA SER A 66 -12.07 -4.44 -18.55
C SER A 66 -10.54 -4.28 -18.65
C SER A 66 -10.58 -4.15 -18.70
N ARG A 67 -10.05 -4.52 -19.87
CA ARG A 67 -8.64 -4.33 -20.19
C ARG A 67 -8.53 -3.92 -21.66
N SER A 68 -7.67 -2.96 -21.93
CA SER A 68 -7.50 -2.45 -23.30
C SER A 68 -6.06 -1.98 -23.46
N GLY A 69 -5.30 -2.67 -24.30
CA GLY A 69 -3.92 -2.30 -24.56
C GLY A 69 -3.01 -2.53 -23.37
N THR A 70 -2.59 -1.46 -22.72
CA THR A 70 -1.72 -1.53 -21.55
C THR A 70 -2.39 -0.98 -20.30
N SER A 71 -3.71 -0.84 -20.31
CA SER A 71 -4.44 -0.27 -19.19
C SER A 71 -5.69 -1.08 -18.90
N ALA A 72 -6.22 -0.93 -17.69
CA ALA A 72 -7.41 -1.62 -17.25
C ALA A 72 -8.31 -0.64 -16.52
N SER A 73 -9.53 -1.08 -16.20
CA SER A 73 -10.49 -0.24 -15.52
CA SER A 73 -10.50 -0.24 -15.53
C SER A 73 -11.45 -1.11 -14.71
N LEU A 74 -11.91 -0.55 -13.60
CA LEU A 74 -12.90 -1.19 -12.73
C LEU A 74 -14.07 -0.23 -12.56
N ALA A 75 -15.24 -0.62 -13.05
CA ALA A 75 -16.42 0.23 -13.04
C ALA A 75 -17.38 -0.19 -11.93
N ILE A 76 -17.90 0.80 -11.20
CA ILE A 76 -18.86 0.57 -10.13
C ILE A 76 -20.08 1.44 -10.42
N GLY A 77 -21.22 0.79 -10.63
CA GLY A 77 -22.47 1.49 -10.84
C GLY A 77 -23.33 1.51 -9.59
N GLY A 78 -24.19 2.53 -9.48
CA GLY A 78 -25.07 2.66 -8.34
C GLY A 78 -24.35 2.69 -7.01
N LEU A 79 -23.52 3.71 -6.83
CA LEU A 79 -22.65 3.81 -5.65
C LEU A 79 -23.46 3.70 -4.35
N GLN A 80 -23.01 2.85 -3.45
CA GLN A 80 -23.58 2.72 -2.12
C GLN A 80 -22.52 3.04 -1.07
N SER A 81 -22.99 3.36 0.13
CA SER A 81 -22.09 3.79 1.21
C SER A 81 -21.05 2.71 1.51
N GLU A 82 -21.44 1.45 1.42
CA GLU A 82 -20.55 0.35 1.78
C GLU A 82 -19.45 0.11 0.75
N ASP A 83 -19.38 0.90 -0.31
CA ASP A 83 -18.33 0.77 -1.32
C ASP A 83 -17.10 1.61 -0.99
N GLU A 84 -17.12 2.35 0.11
CA GLU A 84 -16.01 3.22 0.48
C GLU A 84 -14.84 2.37 0.96
N ALA A 85 -13.77 2.30 0.16
CA ALA A 85 -12.63 1.46 0.48
C ALA A 85 -11.45 1.89 -0.39
N ASP A 86 -10.35 1.13 -0.29
CA ASP A 86 -9.16 1.34 -1.10
C ASP A 86 -9.03 0.17 -2.08
N TYR A 87 -8.84 0.49 -3.36
CA TYR A 87 -8.85 -0.50 -4.42
C TYR A 87 -7.49 -0.56 -5.09
N PHE A 88 -6.95 -1.78 -5.23
CA PHE A 88 -5.63 -2.02 -5.81
C PHE A 88 -5.77 -2.87 -7.07
N CYS A 89 -4.96 -2.55 -8.09
CA CYS A 89 -4.83 -3.44 -9.23
C CYS A 89 -3.56 -4.28 -9.07
N ALA A 90 -3.45 -5.33 -9.89
CA ALA A 90 -2.36 -6.28 -9.76
C ALA A 90 -2.27 -7.13 -11.02
N ALA A 91 -1.04 -7.51 -11.36
CA ALA A 91 -0.78 -8.36 -12.52
C ALA A 91 0.62 -8.93 -12.41
N TRP A 92 0.85 -10.02 -13.13
CA TRP A 92 2.20 -10.59 -13.23
C TRP A 92 3.05 -9.75 -14.17
N ASP A 93 4.36 -9.74 -13.91
CA ASP A 93 5.30 -8.90 -14.64
C ASP A 93 6.51 -9.72 -15.00
N ASP A 94 6.86 -9.74 -16.30
CA ASP A 94 7.96 -10.57 -16.75
C ASP A 94 9.33 -9.95 -16.47
N ASN A 95 9.39 -8.62 -16.35
CA ASN A 95 10.66 -7.99 -16.01
C ASN A 95 11.01 -8.21 -14.55
N LEU A 96 10.00 -8.22 -13.68
CA LEU A 96 10.21 -8.43 -12.25
C LEU A 96 10.15 -9.89 -11.84
N ASN A 97 9.63 -10.77 -12.71
CA ASN A 97 9.44 -12.19 -12.37
C ASN A 97 8.58 -12.33 -11.12
N GLY A 98 7.48 -11.58 -11.09
CA GLY A 98 6.61 -11.61 -9.92
C GLY A 98 5.42 -10.69 -10.14
N VAL A 99 4.68 -10.47 -9.06
CA VAL A 99 3.46 -9.67 -9.07
C VAL A 99 3.81 -8.21 -8.85
N ILE A 100 3.19 -7.33 -9.63
CA ILE A 100 3.30 -5.90 -9.46
C ILE A 100 1.92 -5.35 -9.08
N PHE A 101 1.90 -4.47 -8.08
CA PHE A 101 0.67 -3.88 -7.59
C PHE A 101 0.57 -2.43 -8.04
N GLY A 102 -0.67 -1.92 -8.04
CA GLY A 102 -0.88 -0.50 -8.18
C GLY A 102 -0.71 0.23 -6.86
N GLY A 103 -0.71 1.56 -6.94
CA GLY A 103 -0.53 2.37 -5.74
C GLY A 103 -1.74 2.40 -4.82
N GLY A 104 -2.93 2.14 -5.36
CA GLY A 104 -4.14 2.18 -4.55
C GLY A 104 -4.96 3.42 -4.77
N THR A 105 -6.27 3.25 -4.87
CA THR A 105 -7.18 4.39 -5.09
C THR A 105 -8.21 4.38 -3.96
N LYS A 106 -8.27 5.46 -3.19
CA LYS A 106 -9.26 5.59 -2.09
C LYS A 106 -10.56 6.21 -2.62
N LEU A 107 -11.68 5.50 -2.48
CA LEU A 107 -12.95 5.96 -3.01
C LEU A 107 -13.85 6.45 -1.88
N THR A 108 -14.42 7.63 -2.06
CA THR A 108 -15.28 8.26 -1.07
C THR A 108 -16.67 8.48 -1.66
N VAL A 109 -17.70 8.17 -0.86
CA VAL A 109 -19.08 8.46 -1.23
C VAL A 109 -19.45 9.79 -0.59
N LEU A 110 -19.71 10.80 -1.41
CA LEU A 110 -19.84 12.17 -0.93
C LEU A 110 -21.11 12.35 -0.09
N GLY A 111 -20.98 13.15 0.97
CA GLY A 111 -22.11 13.47 1.82
C GLY A 111 -22.06 14.90 2.34
N GLN A 112 -21.17 15.70 1.76
CA GLN A 112 -20.98 17.09 2.13
C GLN A 112 -20.15 17.77 1.05
N PRO A 113 -20.18 19.10 0.96
CA PRO A 113 -19.41 19.78 -0.09
C PRO A 113 -17.91 19.58 0.07
N LYS A 114 -17.23 19.53 -1.07
CA LYS A 114 -15.78 19.42 -1.07
C LYS A 114 -15.14 20.73 -0.60
N ALA A 115 -13.89 20.63 -0.12
CA ALA A 115 -13.18 21.78 0.39
C ALA A 115 -11.69 21.56 0.22
N ALA A 116 -10.98 22.61 -0.22
CA ALA A 116 -9.55 22.59 -0.43
C ALA A 116 -8.82 22.87 0.88
N PRO A 117 -7.68 22.21 1.10
CA PRO A 117 -7.04 22.27 2.41
C PRO A 117 -6.34 23.59 2.68
N SER A 118 -6.30 23.93 3.97
CA SER A 118 -5.47 25.08 4.44
C SER A 118 -4.12 24.50 4.87
N VAL A 119 -3.03 25.10 4.42
CA VAL A 119 -1.68 24.61 4.67
C VAL A 119 -0.87 25.68 5.40
N THR A 120 -0.20 25.28 6.48
CA THR A 120 0.68 26.17 7.24
C THR A 120 1.96 25.42 7.57
N LEU A 121 3.10 26.07 7.37
CA LEU A 121 4.41 25.47 7.53
C LEU A 121 5.17 26.16 8.67
N PHE A 122 5.82 25.36 9.50
CA PHE A 122 6.46 25.85 10.72
C PHE A 122 7.95 25.56 10.72
N PRO A 123 8.80 26.57 10.94
CA PRO A 123 10.23 26.33 11.07
C PRO A 123 10.56 25.75 12.44
N PRO A 124 11.79 25.31 12.68
CA PRO A 124 12.12 24.71 13.98
C PRO A 124 11.95 25.71 15.11
N SER A 125 11.56 25.18 16.27
CA SER A 125 11.41 26.00 17.47
C SER A 125 12.75 26.08 18.21
N SER A 126 12.90 27.15 18.99
CA SER A 126 14.19 27.41 19.63
C SER A 126 14.51 26.40 20.72
N GLU A 127 13.50 25.88 21.41
CA GLU A 127 13.77 24.91 22.48
C GLU A 127 14.32 23.61 21.92
N GLU A 128 13.80 23.15 20.78
CA GLU A 128 14.30 21.92 20.19
C GLU A 128 15.64 22.11 19.49
N LEU A 129 15.93 23.33 19.02
CA LEU A 129 17.24 23.60 18.46
C LEU A 129 18.34 23.53 19.52
N GLN A 130 17.99 23.86 20.77
CA GLN A 130 18.96 23.78 21.86
C GLN A 130 19.25 22.35 22.27
N ALA A 131 18.32 21.43 22.02
CA ALA A 131 18.55 20.01 22.26
C ALA A 131 19.08 19.29 21.02
N ASN A 132 19.70 20.04 20.10
CA ASN A 132 20.27 19.50 18.87
C ASN A 132 19.21 18.77 18.04
N LYS A 133 18.13 19.49 17.74
CA LYS A 133 17.05 18.94 16.94
C LYS A 133 16.48 20.04 16.05
N ALA A 134 16.04 19.65 14.86
CA ALA A 134 15.38 20.55 13.93
C ALA A 134 14.30 19.75 13.21
N THR A 135 13.05 19.89 13.64
CA THR A 135 11.92 19.22 13.04
C THR A 135 10.95 20.26 12.49
N LEU A 136 10.50 20.06 11.25
CA LEU A 136 9.56 20.95 10.60
CA LEU A 136 9.56 20.95 10.60
C LEU A 136 8.18 20.31 10.58
N VAL A 137 7.14 21.15 10.67
CA VAL A 137 5.76 20.68 10.67
C VAL A 137 4.98 21.42 9.59
N CYS A 138 4.19 20.67 8.83
CA CYS A 138 3.35 21.19 7.75
C CYS A 138 1.91 20.80 8.08
N LEU A 139 1.14 21.74 8.63
CA LEU A 139 -0.21 21.45 9.11
C LEU A 139 -1.22 21.59 7.97
N ILE A 140 -2.08 20.58 7.82
CA ILE A 140 -3.05 20.49 6.74
C ILE A 140 -4.42 20.26 7.35
N SER A 141 -5.36 21.18 7.11
CA SER A 141 -6.63 21.15 7.82
C SER A 141 -7.78 21.57 6.92
N ASP A 142 -8.99 21.17 7.34
CA ASP A 142 -10.26 21.64 6.76
C ASP A 142 -10.42 21.24 5.30
N PHE A 143 -10.18 19.97 5.01
CA PHE A 143 -10.32 19.46 3.65
C PHE A 143 -11.26 18.26 3.60
N TYR A 144 -11.87 18.06 2.42
CA TYR A 144 -12.79 16.97 2.14
C TYR A 144 -12.83 16.74 0.63
N PRO A 145 -12.75 15.48 0.16
CA PRO A 145 -12.62 14.23 0.90
C PRO A 145 -11.28 14.09 1.64
N GLY A 146 -11.16 13.08 2.49
CA GLY A 146 -10.02 12.97 3.38
C GLY A 146 -8.86 12.13 2.85
N ALA A 147 -8.27 12.56 1.75
CA ALA A 147 -7.08 11.91 1.19
C ALA A 147 -6.15 12.97 0.61
N VAL A 148 -4.87 12.92 0.96
CA VAL A 148 -3.89 13.87 0.47
C VAL A 148 -2.56 13.16 0.22
N THR A 149 -1.73 13.82 -0.59
CA THR A 149 -0.36 13.37 -0.86
C THR A 149 0.58 14.55 -0.65
N VAL A 150 1.73 14.29 -0.02
CA VAL A 150 2.65 15.33 0.39
C VAL A 150 4.04 15.03 -0.18
N ALA A 151 4.75 16.10 -0.57
CA ALA A 151 6.12 15.99 -1.05
C ALA A 151 6.95 17.14 -0.49
N TRP A 152 8.17 16.83 -0.06
CA TRP A 152 9.09 17.80 0.51
C TRP A 152 10.25 18.06 -0.44
N LYS A 153 10.86 19.23 -0.29
CA LYS A 153 12.01 19.62 -1.10
C LYS A 153 13.01 20.40 -0.26
N ALA A 154 14.29 20.07 -0.43
CA ALA A 154 15.38 20.84 0.13
C ALA A 154 15.97 21.70 -0.97
N ASP A 155 15.86 23.02 -0.82
CA ASP A 155 16.02 23.94 -1.94
C ASP A 155 15.08 23.52 -3.05
N SER A 156 15.60 22.86 -4.09
CA SER A 156 14.78 22.38 -5.19
C SER A 156 14.94 20.88 -5.44
N SER A 157 15.55 20.14 -4.51
CA SER A 157 15.70 18.71 -4.70
C SER A 157 14.75 17.92 -3.83
N PRO A 158 14.14 16.85 -4.35
CA PRO A 158 13.21 16.07 -3.53
C PRO A 158 13.90 15.42 -2.35
N VAL A 159 13.18 15.35 -1.23
CA VAL A 159 13.65 14.71 -0.01
C VAL A 159 12.67 13.59 0.34
N LYS A 160 13.20 12.39 0.56
CA LYS A 160 12.38 11.25 0.96
C LYS A 160 12.71 10.72 2.34
N ALA A 161 13.97 10.77 2.77
CA ALA A 161 14.34 10.24 4.07
C ALA A 161 13.85 11.16 5.18
N GLY A 162 13.33 10.54 6.24
CA GLY A 162 12.93 11.29 7.42
C GLY A 162 11.57 11.93 7.37
N VAL A 163 10.67 11.44 6.51
CA VAL A 163 9.34 12.02 6.34
C VAL A 163 8.31 11.08 6.96
N GLU A 164 7.39 11.65 7.73
CA GLU A 164 6.25 10.92 8.27
C GLU A 164 5.00 11.77 8.12
N THR A 165 3.90 11.13 7.73
CA THR A 165 2.63 11.82 7.52
C THR A 165 1.52 11.01 8.16
N THR A 166 0.64 11.68 8.90
CA THR A 166 -0.40 11.02 9.65
C THR A 166 -1.61 10.73 8.77
N THR A 167 -2.37 9.70 9.16
CA THR A 167 -3.61 9.37 8.46
C THR A 167 -4.65 10.44 8.75
N PRO A 168 -5.33 10.98 7.73
CA PRO A 168 -6.28 12.07 7.95
C PRO A 168 -7.35 11.72 8.97
N SER A 169 -7.70 12.72 9.78
CA SER A 169 -8.60 12.54 10.92
C SER A 169 -9.76 13.51 10.83
N LYS A 170 -10.96 13.01 11.14
CA LYS A 170 -12.16 13.84 11.13
C LYS A 170 -12.22 14.70 12.39
N GLN A 171 -12.51 15.99 12.22
CA GLN A 171 -12.56 16.92 13.32
C GLN A 171 -13.99 17.40 13.55
N SER A 172 -14.15 18.38 14.46
CA SER A 172 -15.46 18.70 15.01
C SER A 172 -16.41 19.32 14.00
N ASN A 173 -15.91 19.81 12.86
CA ASN A 173 -16.77 20.32 11.80
C ASN A 173 -16.97 19.31 10.68
N ASN A 174 -16.59 18.04 10.91
CA ASN A 174 -16.71 16.94 9.96
C ASN A 174 -15.79 17.07 8.77
N LYS A 175 -14.81 17.96 8.83
CA LYS A 175 -13.74 18.02 7.84
C LYS A 175 -12.48 17.35 8.41
N TYR A 176 -11.52 17.09 7.52
CA TYR A 176 -10.36 16.29 7.86
C TYR A 176 -9.13 17.15 8.13
N ALA A 177 -8.19 16.57 8.87
CA ALA A 177 -6.93 17.23 9.19
C ALA A 177 -5.83 16.18 9.30
N ALA A 178 -4.60 16.60 9.03
CA ALA A 178 -3.44 15.73 9.11
C ALA A 178 -2.19 16.59 9.29
N SER A 179 -1.07 15.92 9.55
N SER A 179 -1.07 15.92 9.54
CA SER A 179 0.19 16.62 9.76
CA SER A 179 0.19 16.60 9.80
C SER A 179 1.33 15.82 9.17
C SER A 179 1.34 15.81 9.20
N SER A 180 2.33 16.52 8.67
CA SER A 180 3.53 15.93 8.10
C SER A 180 4.74 16.60 8.73
N TYR A 181 5.66 15.80 9.25
CA TYR A 181 6.85 16.34 9.92
C TYR A 181 8.11 15.72 9.33
N LEU A 182 9.15 16.55 9.21
CA LEU A 182 10.44 16.17 8.64
C LEU A 182 11.51 16.39 9.70
N SER A 183 12.19 15.30 10.08
CA SER A 183 13.19 15.34 11.13
CA SER A 183 13.19 15.34 11.14
C SER A 183 14.56 15.62 10.53
N LEU A 184 15.18 16.74 10.94
CA LEU A 184 16.48 17.15 10.44
C LEU A 184 17.43 17.38 11.60
N THR A 185 18.72 17.45 11.28
CA THR A 185 19.75 17.94 12.17
C THR A 185 19.95 19.44 11.96
N PRO A 186 20.41 20.17 12.98
CA PRO A 186 20.59 21.63 12.79
C PRO A 186 21.55 22.01 11.67
N GLU A 187 22.46 21.11 11.27
CA GLU A 187 23.35 21.40 10.16
C GLU A 187 22.60 21.35 8.84
N GLN A 188 21.85 20.26 8.59
CA GLN A 188 21.05 20.16 7.37
C GLN A 188 20.14 21.37 7.20
N TRP A 189 19.53 21.84 8.30
CA TRP A 189 18.59 22.95 8.23
C TRP A 189 19.30 24.24 7.82
N LYS A 190 20.45 24.53 8.43
CA LYS A 190 21.22 25.70 8.06
C LYS A 190 22.01 25.47 6.77
N SER A 191 22.14 24.22 6.34
CA SER A 191 22.91 23.90 5.14
C SER A 191 22.26 24.47 3.87
N HIS A 192 20.93 24.53 3.84
CA HIS A 192 20.21 24.88 2.62
C HIS A 192 19.63 26.29 2.70
N LYS A 193 19.18 26.78 1.56
CA LYS A 193 18.58 28.11 1.48
C LYS A 193 17.12 28.11 1.91
N SER A 194 16.41 27.00 1.70
CA SER A 194 14.99 26.94 1.99
C SER A 194 14.51 25.50 1.95
N TYR A 195 13.34 25.27 2.53
CA TYR A 195 12.64 23.99 2.48
C TYR A 195 11.20 24.24 2.07
N SER A 196 10.57 23.23 1.46
CA SER A 196 9.23 23.41 0.92
C SER A 196 8.37 22.18 1.20
N CYS A 197 7.06 22.41 1.30
CA CYS A 197 6.06 21.38 1.56
C CYS A 197 4.91 21.57 0.60
N GLN A 198 4.68 20.59 -0.27
CA GLN A 198 3.63 20.66 -1.29
C GLN A 198 2.57 19.60 -1.00
N VAL A 199 1.31 20.01 -1.08
CA VAL A 199 0.17 19.15 -0.77
C VAL A 199 -0.69 19.01 -2.03
N THR A 200 -1.09 17.78 -2.33
CA THR A 200 -1.95 17.48 -3.47
C THR A 200 -3.28 16.94 -2.97
N HIS A 201 -4.38 17.43 -3.54
CA HIS A 201 -5.72 17.06 -3.12
C HIS A 201 -6.59 16.94 -4.37
N GLU A 202 -6.95 15.73 -4.75
CA GLU A 202 -7.77 15.48 -5.98
C GLU A 202 -7.12 16.12 -7.23
N GLY A 203 -5.80 16.09 -7.32
CA GLY A 203 -5.11 16.60 -8.49
C GLY A 203 -4.60 18.02 -8.36
N SER A 204 -5.16 18.81 -7.45
CA SER A 204 -4.75 20.20 -7.28
C SER A 204 -3.64 20.32 -6.25
N THR A 205 -2.82 21.36 -6.38
CA THR A 205 -1.58 21.48 -5.62
C THR A 205 -1.46 22.84 -4.95
N VAL A 206 -0.87 22.85 -3.75
N VAL A 206 -0.89 22.85 -3.76
CA VAL A 206 -0.51 24.06 -3.02
CA VAL A 206 -0.47 24.07 -3.08
C VAL A 206 0.87 23.83 -2.41
C VAL A 206 0.90 23.82 -2.47
N GLU A 207 1.70 24.87 -2.40
CA GLU A 207 3.07 24.76 -1.89
C GLU A 207 3.40 25.94 -0.97
N LYS A 208 4.23 25.66 0.03
CA LYS A 208 4.72 26.66 0.98
C LYS A 208 6.23 26.48 1.18
N THR A 209 6.87 27.51 1.73
CA THR A 209 8.32 27.55 1.85
C THR A 209 8.71 28.32 3.11
N VAL A 210 9.77 27.86 3.79
CA VAL A 210 10.34 28.57 4.94
C VAL A 210 11.87 28.50 4.83
N ALA A 211 12.54 29.34 5.60
CA ALA A 211 13.97 29.56 5.51
C ALA A 211 14.53 29.85 6.90
N PRO A 212 15.81 29.58 7.13
CA PRO A 212 16.40 29.90 8.44
C PRO A 212 16.51 31.41 8.62
N THR A 213 16.12 31.91 9.79
CA THR A 213 16.16 33.34 10.05
C THR A 213 17.32 33.72 10.96
N GLN B 1 -14.20 -24.96 6.84
CA GLN B 1 -14.06 -23.88 5.87
C GLN B 1 -12.59 -23.51 5.66
N VAL B 2 -12.31 -22.81 4.56
CA VAL B 2 -10.95 -22.43 4.22
C VAL B 2 -10.46 -21.36 5.18
N GLN B 3 -9.29 -21.59 5.78
CA GLN B 3 -8.73 -20.66 6.75
C GLN B 3 -7.21 -20.66 6.66
N LEU B 4 -6.62 -19.48 6.82
CA LEU B 4 -5.17 -19.30 6.86
C LEU B 4 -4.81 -18.54 8.13
N VAL B 5 -3.92 -19.10 8.94
CA VAL B 5 -3.53 -18.51 10.22
C VAL B 5 -2.02 -18.32 10.23
N GLU B 6 -1.58 -17.07 10.44
CA GLU B 6 -0.17 -16.73 10.48
C GLU B 6 0.31 -16.58 11.93
N SER B 7 1.61 -16.80 12.12
CA SER B 7 2.21 -16.66 13.44
C SER B 7 3.70 -16.38 13.27
N GLY B 8 4.28 -15.78 14.30
CA GLY B 8 5.71 -15.52 14.36
C GLY B 8 6.10 -14.05 14.40
N GLY B 9 5.18 -13.12 14.19
CA GLY B 9 5.55 -11.72 14.18
C GLY B 9 5.99 -11.24 15.55
N ALA B 10 7.05 -10.44 15.57
CA ALA B 10 7.63 -9.96 16.82
C ALA B 10 8.44 -8.70 16.54
N ALA B 11 8.84 -8.04 17.62
CA ALA B 11 9.71 -6.86 17.54
C ALA B 11 11.15 -7.31 17.80
N VAL B 12 12.02 -7.06 16.83
CA VAL B 12 13.41 -7.48 16.89
C VAL B 12 14.31 -6.30 16.54
N GLN B 13 15.62 -6.54 16.56
CA GLN B 13 16.62 -5.52 16.31
C GLN B 13 17.12 -5.57 14.87
N THR B 14 17.66 -4.44 14.40
CA THR B 14 18.18 -4.35 13.05
C THR B 14 19.32 -5.35 12.84
N GLY B 15 19.28 -6.07 11.72
CA GLY B 15 20.26 -7.07 11.41
C GLY B 15 19.92 -8.47 11.91
N GLY B 16 18.85 -8.62 12.66
CA GLY B 16 18.46 -9.90 13.20
C GLY B 16 17.71 -10.75 12.19
N SER B 17 17.15 -11.86 12.69
N SER B 17 17.15 -11.86 12.69
CA SER B 17 16.42 -12.79 11.85
CA SER B 17 16.43 -12.81 11.87
C SER B 17 15.13 -13.20 12.55
C SER B 17 15.11 -13.16 12.54
N LEU B 18 14.18 -13.70 11.74
CA LEU B 18 12.88 -14.09 12.24
C LEU B 18 12.24 -15.05 11.24
N ARG B 19 11.40 -15.95 11.75
CA ARG B 19 10.78 -16.99 10.94
C ARG B 19 9.27 -16.96 11.16
N LEU B 20 8.51 -16.81 10.07
CA LEU B 20 7.06 -16.75 10.13
C LEU B 20 6.45 -18.06 9.66
N SER B 21 5.25 -18.35 10.17
CA SER B 21 4.54 -19.58 9.84
C SER B 21 3.13 -19.26 9.37
N CYS B 22 2.58 -20.12 8.51
CA CYS B 22 1.21 -20.00 8.04
C CYS B 22 0.62 -21.40 7.96
N VAL B 23 -0.36 -21.68 8.81
CA VAL B 23 -1.03 -22.98 8.85
C VAL B 23 -2.33 -22.89 8.06
N ALA B 24 -2.56 -23.84 7.16
CA ALA B 24 -3.72 -23.85 6.29
C ALA B 24 -4.69 -24.94 6.72
N SER B 25 -5.98 -24.64 6.58
CA SER B 25 -7.04 -25.58 6.96
C SER B 25 -8.19 -25.49 5.97
N GLY B 26 -8.95 -26.57 5.88
CA GLY B 26 -10.16 -26.59 5.08
C GLY B 26 -9.97 -26.90 3.60
N PHE B 27 -8.76 -27.26 3.18
CA PHE B 27 -8.51 -27.59 1.78
C PHE B 27 -7.19 -28.36 1.69
N ASP B 28 -6.91 -28.85 0.49
CA ASP B 28 -5.68 -29.60 0.23
C ASP B 28 -4.60 -28.61 -0.21
N LEU B 29 -3.62 -28.40 0.68
CA LEU B 29 -2.56 -27.43 0.40
C LEU B 29 -1.69 -27.85 -0.77
N SER B 30 -1.53 -29.16 -0.99
CA SER B 30 -0.65 -29.66 -2.03
C SER B 30 -1.16 -29.40 -3.45
N ASN B 31 -2.33 -28.78 -3.60
CA ASN B 31 -2.88 -28.46 -4.91
C ASN B 31 -2.73 -26.99 -5.28
N HIS B 32 -2.13 -26.17 -4.42
CA HIS B 32 -2.18 -24.73 -4.58
C HIS B 32 -0.82 -24.09 -4.40
N ALA B 33 -0.53 -23.09 -5.22
CA ALA B 33 0.61 -22.22 -4.99
C ALA B 33 0.28 -21.24 -3.87
N MET B 34 1.32 -20.77 -3.18
CA MET B 34 1.17 -19.88 -2.04
C MET B 34 2.15 -18.73 -2.15
N ALA B 35 1.90 -17.67 -1.39
CA ALA B 35 2.71 -16.46 -1.47
C ALA B 35 2.57 -15.65 -0.19
N TRP B 36 3.41 -14.64 -0.06
CA TRP B 36 3.39 -13.69 1.04
C TRP B 36 3.26 -12.28 0.50
N VAL B 37 2.41 -11.47 1.15
CA VAL B 37 2.18 -10.08 0.77
C VAL B 37 2.28 -9.22 2.03
N ARG B 38 2.98 -8.10 1.94
CA ARG B 38 3.20 -7.23 3.08
C ARG B 38 2.71 -5.81 2.80
N GLN B 39 2.45 -5.07 3.88
CA GLN B 39 1.91 -3.72 3.78
C GLN B 39 2.45 -2.88 4.93
N SER B 40 3.20 -1.83 4.62
N SER B 40 3.20 -1.83 4.61
CA SER B 40 3.72 -0.94 5.63
CA SER B 40 3.72 -0.91 5.60
C SER B 40 2.66 0.09 6.03
C SER B 40 2.64 0.08 6.03
N PRO B 41 2.69 0.56 7.30
CA PRO B 41 1.65 1.49 7.77
C PRO B 41 1.39 2.70 6.89
N GLY B 42 0.16 2.82 6.40
CA GLY B 42 -0.23 3.93 5.57
C GLY B 42 0.19 3.83 4.12
N LYS B 43 0.73 2.69 3.69
CA LYS B 43 1.20 2.50 2.33
C LYS B 43 0.53 1.29 1.69
N GLY B 44 0.97 0.95 0.49
CA GLY B 44 0.29 -0.01 -0.35
C GLY B 44 0.78 -1.43 -0.17
N LEU B 45 0.31 -2.30 -1.08
CA LEU B 45 0.64 -3.72 -1.04
C LEU B 45 1.92 -3.97 -1.83
N GLU B 46 2.69 -4.97 -1.37
CA GLU B 46 4.00 -5.28 -1.93
C GLU B 46 4.21 -6.78 -1.95
N TYR B 47 4.60 -7.30 -3.11
CA TYR B 47 4.79 -8.74 -3.30
C TYR B 47 6.15 -9.16 -2.75
N ILE B 48 6.16 -10.17 -1.88
CA ILE B 48 7.34 -10.56 -1.14
C ILE B 48 7.95 -11.86 -1.67
N SER B 49 7.14 -12.92 -1.79
CA SER B 49 7.67 -14.21 -2.22
C SER B 49 6.52 -15.14 -2.58
N GLY B 50 6.78 -16.04 -3.52
CA GLY B 50 5.79 -17.03 -3.93
C GLY B 50 6.43 -18.36 -4.23
N ILE B 51 5.61 -19.41 -4.17
CA ILE B 51 6.09 -20.78 -4.36
C ILE B 51 4.96 -21.61 -4.97
N ASN B 52 5.34 -22.56 -5.83
CA ASN B 52 4.36 -23.43 -6.46
C ASN B 52 4.08 -24.64 -5.58
N ASN B 53 3.06 -25.42 -5.98
CA ASN B 53 2.55 -26.48 -5.11
C ASN B 53 3.59 -27.55 -4.82
N GLY B 54 4.49 -27.80 -5.76
CA GLY B 54 5.55 -28.78 -5.56
C GLY B 54 6.82 -28.25 -4.95
N GLY B 55 6.90 -26.93 -4.76
CA GLY B 55 8.09 -26.33 -4.17
C GLY B 55 9.29 -26.29 -5.08
N THR B 56 9.11 -26.45 -6.39
CA THR B 56 10.23 -26.49 -7.33
C THR B 56 10.51 -25.14 -7.98
N THR B 57 9.63 -24.15 -7.80
CA THR B 57 9.83 -22.81 -8.36
C THR B 57 9.53 -21.77 -7.30
N THR B 58 10.45 -20.84 -7.11
CA THR B 58 10.29 -19.74 -6.15
C THR B 58 10.66 -18.42 -6.82
N THR B 59 9.92 -17.37 -6.48
CA THR B 59 10.20 -16.02 -6.94
C THR B 59 10.17 -15.08 -5.74
N TYR B 60 10.76 -13.89 -5.92
CA TYR B 60 10.92 -12.96 -4.82
C TYR B 60 10.72 -11.53 -5.29
N GLY B 61 10.31 -10.67 -4.37
CA GLY B 61 10.31 -9.25 -4.63
C GLY B 61 11.71 -8.68 -4.64
N ASP B 62 11.90 -7.59 -5.38
CA ASP B 62 13.24 -7.05 -5.59
C ASP B 62 13.86 -6.56 -4.30
N SER B 63 13.05 -6.17 -3.31
CA SER B 63 13.57 -5.61 -2.08
C SER B 63 14.08 -6.67 -1.10
N VAL B 64 13.74 -7.95 -1.31
CA VAL B 64 14.04 -9.00 -0.35
C VAL B 64 14.80 -10.16 -0.93
N LYS B 65 15.21 -10.10 -2.20
CA LYS B 65 15.97 -11.21 -2.78
C LYS B 65 17.36 -11.28 -2.15
N ASP B 66 17.85 -12.51 -1.96
CA ASP B 66 19.09 -12.88 -1.29
C ASP B 66 18.99 -12.76 0.22
N ARG B 67 17.87 -12.25 0.76
CA ARG B 67 17.68 -12.12 2.20
C ARG B 67 16.57 -13.02 2.74
N PHE B 68 15.48 -13.19 2.01
CA PHE B 68 14.34 -13.97 2.44
C PHE B 68 14.29 -15.29 1.69
N THR B 69 13.72 -16.30 2.33
CA THR B 69 13.57 -17.62 1.72
C THR B 69 12.20 -18.19 2.08
N ILE B 70 11.52 -18.75 1.08
CA ILE B 70 10.20 -19.33 1.25
C ILE B 70 10.30 -20.84 1.15
N SER B 71 9.46 -21.53 1.93
CA SER B 71 9.44 -22.98 1.95
C SER B 71 8.05 -23.46 2.34
N ARG B 72 7.83 -24.76 2.26
CA ARG B 72 6.53 -25.33 2.58
C ARG B 72 6.69 -26.79 2.98
N ASP B 73 5.70 -27.28 3.74
CA ASP B 73 5.63 -28.69 4.14
C ASP B 73 4.18 -29.11 3.95
N ASN B 74 3.90 -29.80 2.83
CA ASN B 74 2.52 -30.11 2.48
C ASN B 74 1.88 -31.10 3.45
N ALA B 75 2.67 -32.03 4.00
CA ALA B 75 2.11 -32.98 4.95
C ALA B 75 1.70 -32.31 6.25
N LYS B 76 2.48 -31.31 6.69
CA LYS B 76 2.15 -30.55 7.89
C LYS B 76 1.23 -29.37 7.60
N SER B 77 0.87 -29.15 6.34
CA SER B 77 -0.06 -28.09 5.95
C SER B 77 0.42 -26.71 6.44
N THR B 78 1.68 -26.40 6.12
CA THR B 78 2.32 -25.19 6.64
C THR B 78 3.24 -24.59 5.59
N VAL B 79 3.27 -23.25 5.55
CA VAL B 79 4.17 -22.48 4.70
C VAL B 79 5.01 -21.59 5.60
N TYR B 80 6.28 -21.41 5.24
CA TYR B 80 7.22 -20.65 6.06
C TYR B 80 7.82 -19.50 5.26
N LEU B 81 8.40 -18.55 6.01
CA LEU B 81 9.17 -17.44 5.43
C LEU B 81 10.33 -17.14 6.36
N GLN B 82 11.55 -17.41 5.90
CA GLN B 82 12.75 -17.11 6.67
C GLN B 82 13.25 -15.72 6.28
N MET B 83 13.38 -14.84 7.26
CA MET B 83 13.82 -13.47 7.05
CA MET B 83 13.81 -13.47 7.06
C MET B 83 15.14 -13.25 7.77
N ASN B 84 16.16 -12.83 7.02
CA ASN B 84 17.49 -12.61 7.56
C ASN B 84 17.97 -11.20 7.23
N ARG B 85 18.89 -10.71 8.06
CA ARG B 85 19.48 -9.38 7.90
C ARG B 85 18.41 -8.30 7.81
N LEU B 86 17.55 -8.27 8.82
CA LEU B 86 16.40 -7.38 8.80
C LEU B 86 16.84 -5.91 8.89
N GLU B 87 16.04 -5.05 8.30
CA GLU B 87 16.25 -3.61 8.32
C GLU B 87 14.95 -2.92 8.69
N ALA B 88 15.05 -1.63 9.06
CA ALA B 88 13.87 -0.87 9.44
C ALA B 88 12.82 -0.85 8.34
N ASP B 89 13.28 -0.94 7.08
N ASP B 89 13.23 -0.95 7.08
CA ASP B 89 12.40 -1.03 5.92
CA ASP B 89 12.21 -0.91 6.04
C ASP B 89 11.34 -2.12 6.09
C ASP B 89 11.41 -2.20 5.93
N ASP B 90 11.71 -3.22 6.74
CA ASP B 90 10.91 -4.43 6.76
C ASP B 90 9.76 -4.39 7.77
N THR B 91 9.55 -3.27 8.45
CA THR B 91 8.47 -3.15 9.42
C THR B 91 7.14 -3.04 8.69
N ALA B 92 6.28 -4.05 8.83
CA ALA B 92 5.00 -4.09 8.15
C ALA B 92 4.17 -5.24 8.69
N VAL B 93 2.96 -5.37 8.17
CA VAL B 93 2.10 -6.54 8.41
C VAL B 93 2.27 -7.49 7.22
N TYR B 94 2.39 -8.78 7.51
CA TYR B 94 2.68 -9.78 6.49
C TYR B 94 1.48 -10.72 6.35
N TYR B 95 0.96 -10.82 5.14
CA TYR B 95 -0.21 -11.64 4.84
C TYR B 95 0.20 -12.93 4.14
N CYS B 96 -0.48 -14.02 4.49
CA CYS B 96 -0.31 -15.31 3.83
C CYS B 96 -1.49 -15.52 2.90
N VAL B 97 -1.21 -15.72 1.61
CA VAL B 97 -2.24 -15.80 0.59
C VAL B 97 -2.16 -17.14 -0.13
N LYS B 98 -3.28 -17.52 -0.74
CA LYS B 98 -3.38 -18.78 -1.48
C LYS B 98 -3.94 -18.50 -2.87
N SER B 99 -3.31 -19.09 -3.88
CA SER B 99 -3.74 -18.94 -5.26
C SER B 99 -4.68 -20.07 -5.65
N SER B 100 -5.55 -19.79 -6.62
CA SER B 100 -6.43 -20.82 -7.14
C SER B 100 -5.66 -21.83 -7.97
N TYR B 101 -4.54 -21.43 -8.56
CA TYR B 101 -3.76 -22.28 -9.44
C TYR B 101 -2.70 -23.03 -8.64
N SER B 102 -2.20 -24.11 -9.24
CA SER B 102 -1.13 -24.89 -8.64
C SER B 102 0.25 -24.32 -8.94
N ASP B 103 0.36 -23.29 -9.78
CA ASP B 103 1.63 -22.71 -10.15
C ASP B 103 1.63 -21.21 -9.87
N ILE B 104 2.83 -20.66 -9.64
CA ILE B 104 2.97 -19.25 -9.25
C ILE B 104 3.24 -18.47 -10.54
N VAL B 105 2.15 -18.16 -11.25
CA VAL B 105 2.23 -17.51 -12.55
C VAL B 105 1.26 -16.35 -12.70
N SER B 106 0.53 -15.98 -11.66
CA SER B 106 -0.49 -14.94 -11.80
C SER B 106 -0.59 -14.14 -10.49
N ALA B 107 -1.37 -13.07 -10.55
CA ALA B 107 -1.65 -12.25 -9.39
C ALA B 107 -3.04 -12.50 -8.82
N ARG B 108 -3.61 -13.67 -9.06
CA ARG B 108 -4.91 -14.04 -8.53
C ARG B 108 -4.72 -14.71 -7.17
N PHE B 109 -5.19 -14.04 -6.11
CA PHE B 109 -5.09 -14.54 -4.75
C PHE B 109 -6.51 -14.61 -4.18
N ASP B 110 -7.02 -15.84 -4.02
CA ASP B 110 -8.43 -16.02 -3.66
C ASP B 110 -8.67 -15.93 -2.17
N SER B 111 -7.70 -16.28 -1.34
CA SER B 111 -7.88 -16.31 0.11
C SER B 111 -6.72 -15.60 0.79
N TRP B 112 -7.04 -14.85 1.85
CA TRP B 112 -6.06 -14.08 2.61
C TRP B 112 -6.18 -14.41 4.09
N GLY B 113 -5.05 -14.45 4.78
CA GLY B 113 -5.05 -14.55 6.22
C GLY B 113 -5.33 -13.21 6.87
N LYS B 114 -5.23 -13.19 8.20
CA LYS B 114 -5.45 -11.94 8.93
C LYS B 114 -4.15 -11.15 9.13
N GLY B 115 -3.00 -11.83 9.14
CA GLY B 115 -1.73 -11.16 9.10
C GLY B 115 -1.02 -11.16 10.45
N THR B 116 0.30 -10.99 10.37
CA THR B 116 1.16 -10.89 11.55
CA THR B 116 1.14 -10.87 11.55
C THR B 116 2.06 -9.67 11.40
N GLN B 117 2.34 -8.99 12.51
CA GLN B 117 3.10 -7.74 12.49
C GLN B 117 4.54 -7.96 12.92
N VAL B 118 5.46 -7.34 12.18
CA VAL B 118 6.89 -7.41 12.45
C VAL B 118 7.40 -5.98 12.67
N THR B 119 8.19 -5.79 13.72
CA THR B 119 8.73 -4.48 14.07
C THR B 119 10.25 -4.58 14.14
N VAL B 120 10.94 -3.72 13.39
CA VAL B 120 12.40 -3.70 13.36
C VAL B 120 12.87 -2.39 13.96
N SER B 121 13.69 -2.47 15.00
CA SER B 121 14.13 -1.31 15.75
C SER B 121 15.65 -1.24 15.86
CL CL C . -8.75 -28.25 -2.64
NA NA D . -9.29 -30.44 -5.57
#